data_4AOB
#
_entry.id   4AOB
#
_cell.length_a   61.300
_cell.length_b   61.300
_cell.length_c   157.538
_cell.angle_alpha   90.00
_cell.angle_beta   90.00
_cell.angle_gamma   90.00
#
_symmetry.space_group_name_H-M   'P 43 21 2'
#
loop_
_entity.id
_entity.type
_entity.pdbx_description
1 polymer 'SAM-I RIBOSWITCH'
2 non-polymer 'BARIUM ION'
3 non-polymer 'POTASSIUM ION'
4 non-polymer 'SODIUM ION'
5 non-polymer S-ADENOSYLMETHIONINE
6 water water
#
_entity_poly.entity_id   1
_entity_poly.type   'polyribonucleotide'
_entity_poly.pdbx_seq_one_letter_code
;GGCUUAUCAAGAGAGGGCAAGAGACUGGCUUGAUGACCCCCGGCAACCAAAAAUGGUGCCAAUUCCUGCAGAGGAAACGU
UGAAAGAUGAGCCA
;
_entity_poly.pdbx_strand_id   A
#